data_4AMI
#
_entry.id   4AMI
#
_cell.length_a   89.844
_cell.length_b   60.677
_cell.length_c   107.818
_cell.angle_alpha   90.00
_cell.angle_beta   110.78
_cell.angle_gamma   90.00
#
_symmetry.space_group_name_H-M   'P 1 21 1'
#
loop_
_entity.id
_entity.type
_entity.pdbx_description
1 polymer 'BETA-1 ADRENERGIC RECEPTOR'
2 non-polymer 2-[(2S)-3-[[1-(1H-indol-3-yl)-2-methyl-propan-2-yl]amino]-2-oxidanyl-propoxy]benzenecarbonitrile
3 non-polymer HEGA-10
4 water water
#
_entity_poly.entity_id   1
_entity_poly.type   'polypeptide(L)'
_entity_poly.pdbx_seq_one_letter_code
;MGAELLSQQWEAGMSLLMALVVLLIVAGNVLVIAAIGSTQRLQTLTNLFITSLACADLVVGLLVVPFGATLVVRGTWLWG
SFLCELWTSLDVLCVTASIETLCVIAIDRYLAITSPFRYQSLMTRARAKVIICTVWAISALVSFLPIMMHWWRDEDPQAL
KCYQDPGCCDFVTNRAYAIASSIISFYIPLLIMIFVALRVYREAKEQIRKIDRASKRKTSRVMLMREHKALKTLGIIMGV
FTLCWLPFFLVNIVNVFNRDLVPDWLFVAFNWLGYANSAMNPIIYCRSPDFRKAFKRLLAFPRKADRRLHHHHHH
;
_entity_poly.pdbx_strand_id   A,B
#
loop_
_chem_comp.id
_chem_comp.type
_chem_comp.name
_chem_comp.formula
2CV non-polymer HEGA-10 'C18 H37 N O7'
G90 non-polymer 2-[(2S)-3-[[1-(1H-indol-3-yl)-2-methyl-propan-2-yl]amino]-2-oxidanyl-propoxy]benzenecarbonitrile 'C22 H25 N3 O2'
#
# COMPACT_ATOMS: atom_id res chain seq x y z
N ALA A 3 -47.96 11.30 11.05
CA ALA A 3 -46.75 10.57 10.57
C ALA A 3 -46.29 11.07 9.20
N GLU A 4 -47.24 11.34 8.32
CA GLU A 4 -46.95 11.87 6.97
C GLU A 4 -46.40 13.30 7.03
N LEU A 5 -46.83 14.06 8.03
CA LEU A 5 -46.32 15.42 8.28
C LEU A 5 -44.93 15.38 8.92
N LEU A 6 -44.70 14.38 9.78
CA LEU A 6 -43.39 14.12 10.38
C LEU A 6 -42.35 13.78 9.32
N SER A 7 -42.79 13.07 8.28
CA SER A 7 -41.95 12.71 7.15
C SER A 7 -41.69 13.91 6.24
N GLN A 8 -42.73 14.72 6.02
CA GLN A 8 -42.64 15.91 5.16
C GLN A 8 -41.80 17.02 5.80
N GLN A 9 -41.79 17.06 7.12
CA GLN A 9 -40.96 17.99 7.88
C GLN A 9 -39.50 17.53 7.88
N TRP A 10 -39.29 16.23 8.10
CA TRP A 10 -37.96 15.65 8.15
C TRP A 10 -37.22 15.77 6.82
N GLU A 11 -37.93 15.55 5.72
CA GLU A 11 -37.36 15.67 4.37
C GLU A 11 -36.90 17.10 4.06
N ALA A 12 -37.82 18.05 4.13
CA ALA A 12 -37.53 19.45 3.83
C ALA A 12 -36.52 20.07 4.80
N GLY A 13 -36.56 19.64 6.05
CA GLY A 13 -35.60 20.08 7.07
C GLY A 13 -34.20 19.63 6.75
N MET A 14 -34.02 18.30 6.67
CA MET A 14 -32.73 17.69 6.33
C MET A 14 -32.17 18.21 5.00
N SER A 15 -33.03 18.26 3.98
CA SER A 15 -32.63 18.76 2.65
C SER A 15 -31.89 20.11 2.71
N LEU A 16 -32.35 21.00 3.58
CA LEU A 16 -31.72 22.32 3.73
C LEU A 16 -30.39 22.23 4.46
N LEU A 17 -30.37 21.48 5.57
CA LEU A 17 -29.12 21.24 6.29
C LEU A 17 -28.04 20.67 5.36
N MET A 18 -28.44 19.69 4.54
CA MET A 18 -27.55 19.09 3.54
C MET A 18 -27.12 20.10 2.48
N ALA A 19 -28.06 20.92 2.01
CA ALA A 19 -27.75 21.95 1.02
C ALA A 19 -26.78 23.00 1.59
N LEU A 20 -26.93 23.30 2.88
CA LEU A 20 -26.00 24.20 3.56
C LEU A 20 -24.60 23.59 3.60
N VAL A 21 -24.53 22.31 3.98
CA VAL A 21 -23.26 21.57 4.02
C VAL A 21 -22.58 21.56 2.64
N VAL A 22 -23.34 21.18 1.61
CA VAL A 22 -22.84 21.18 0.23
C VAL A 22 -22.30 22.56 -0.17
N LEU A 23 -23.05 23.62 0.15
CA LEU A 23 -22.63 24.98 -0.17
C LEU A 23 -21.37 25.41 0.57
N LEU A 24 -21.28 25.07 1.86
CA LEU A 24 -20.10 25.39 2.66
C LEU A 24 -18.82 24.73 2.11
N ILE A 25 -18.92 23.46 1.75
CA ILE A 25 -17.80 22.71 1.15
C ILE A 25 -17.41 23.30 -0.21
N VAL A 26 -18.38 23.44 -1.12
CA VAL A 26 -18.12 23.91 -2.48
C VAL A 26 -17.61 25.35 -2.50
N ALA A 27 -18.29 26.24 -1.78
CA ALA A 27 -17.89 27.65 -1.72
C ALA A 27 -16.49 27.79 -1.12
N GLY A 28 -16.29 27.20 0.08
CA GLY A 28 -15.00 27.27 0.78
C GLY A 28 -13.81 26.82 -0.03
N ASN A 29 -13.94 25.67 -0.69
CA ASN A 29 -12.82 25.09 -1.43
C ASN A 29 -12.57 25.74 -2.80
N VAL A 30 -13.64 26.21 -3.44
CA VAL A 30 -13.51 26.97 -4.70
C VAL A 30 -12.74 28.27 -4.43
N LEU A 31 -13.01 28.88 -3.27
CA LEU A 31 -12.25 30.05 -2.84
C LEU A 31 -10.77 29.74 -2.67
N VAL A 32 -10.45 28.62 -2.02
CA VAL A 32 -9.06 28.18 -1.79
C VAL A 32 -8.32 27.92 -3.11
N ILE A 33 -8.98 27.26 -4.05
CA ILE A 33 -8.41 27.01 -5.37
C ILE A 33 -8.22 28.31 -6.15
N ALA A 34 -9.17 29.23 -6.02
CA ALA A 34 -9.10 30.53 -6.71
C ALA A 34 -8.06 31.45 -6.09
N ALA A 35 -8.03 31.50 -4.75
CA ALA A 35 -7.04 32.28 -4.01
C ALA A 35 -5.61 31.94 -4.44
N ILE A 36 -5.26 30.65 -4.38
CA ILE A 36 -3.95 30.17 -4.81
C ILE A 36 -3.73 30.42 -6.31
N GLY A 37 -4.75 30.16 -7.11
CA GLY A 37 -4.67 30.27 -8.57
C GLY A 37 -4.51 31.67 -9.12
N SER A 38 -4.81 32.67 -8.30
CA SER A 38 -4.75 34.08 -8.74
C SER A 38 -3.91 35.00 -7.82
N THR A 39 -3.22 34.42 -6.86
CA THR A 39 -2.31 35.18 -6.00
C THR A 39 -0.91 34.57 -6.05
N GLN A 40 0.02 35.29 -6.68
CA GLN A 40 1.39 34.79 -6.87
C GLN A 40 2.23 34.78 -5.59
N ARG A 41 1.74 35.44 -4.54
CA ARG A 41 2.31 35.32 -3.21
C ARG A 41 1.98 33.95 -2.62
N LEU A 42 0.82 33.41 -3.00
CA LEU A 42 0.36 32.11 -2.51
C LEU A 42 0.79 30.95 -3.39
N GLN A 43 1.38 31.24 -4.54
CA GLN A 43 1.78 30.20 -5.49
C GLN A 43 3.10 29.51 -5.11
N THR A 44 3.13 28.94 -3.92
CA THR A 44 4.26 28.15 -3.42
C THR A 44 4.12 26.69 -3.88
N LEU A 45 5.18 25.91 -3.71
CA LEU A 45 5.13 24.48 -4.01
C LEU A 45 4.21 23.73 -3.03
N THR A 46 4.28 24.11 -1.76
CA THR A 46 3.42 23.55 -0.72
C THR A 46 1.94 23.77 -1.01
N ASN A 47 1.59 24.93 -1.55
CA ASN A 47 0.19 25.22 -1.90
C ASN A 47 -0.32 24.49 -3.14
N LEU A 48 0.60 23.89 -3.91
CA LEU A 48 0.21 22.96 -4.98
C LEU A 48 -0.39 21.69 -4.39
N PHE A 49 0.14 21.26 -3.25
CA PHE A 49 -0.41 20.13 -2.52
C PHE A 49 -1.73 20.50 -1.83
N ILE A 50 -1.83 21.76 -1.40
CA ILE A 50 -3.07 22.26 -0.82
C ILE A 50 -4.18 22.34 -1.86
N THR A 51 -3.82 22.65 -3.10
CA THR A 51 -4.77 22.62 -4.22
C THR A 51 -5.34 21.22 -4.42
N SER A 52 -4.43 20.24 -4.57
CA SER A 52 -4.77 18.82 -4.67
C SER A 52 -5.75 18.41 -3.58
N LEU A 53 -5.42 18.77 -2.35
CA LEU A 53 -6.25 18.48 -1.20
C LEU A 53 -7.64 19.14 -1.30
N ALA A 54 -7.68 20.35 -1.85
CA ALA A 54 -8.94 21.10 -2.04
C ALA A 54 -9.82 20.48 -3.13
N CYS A 55 -9.19 19.94 -4.19
CA CYS A 55 -9.90 19.20 -5.22
C CYS A 55 -10.56 17.94 -4.67
N ALA A 56 -9.84 17.24 -3.79
CA ALA A 56 -10.36 16.06 -3.12
C ALA A 56 -11.57 16.42 -2.29
N ASP A 57 -11.49 17.55 -1.57
CA ASP A 57 -12.61 18.04 -0.78
C ASP A 57 -13.72 18.62 -1.66
N LEU A 58 -13.36 19.12 -2.84
CA LEU A 58 -14.34 19.63 -3.79
C LEU A 58 -15.20 18.50 -4.35
N VAL A 59 -14.56 17.39 -4.72
CA VAL A 59 -15.26 16.22 -5.26
C VAL A 59 -16.23 15.64 -4.21
N VAL A 60 -15.87 15.77 -2.94
CA VAL A 60 -16.75 15.37 -1.83
C VAL A 60 -18.01 16.23 -1.85
N GLY A 61 -17.82 17.54 -2.04
CA GLY A 61 -18.92 18.50 -2.03
C GLY A 61 -19.84 18.44 -3.24
N LEU A 62 -19.27 18.13 -4.40
CA LEU A 62 -20.05 18.08 -5.64
C LEU A 62 -20.69 16.73 -5.91
N LEU A 63 -20.07 15.65 -5.41
CA LEU A 63 -20.55 14.30 -5.75
C LEU A 63 -20.85 13.41 -4.56
N VAL A 64 -19.90 13.28 -3.63
CA VAL A 64 -20.05 12.35 -2.52
C VAL A 64 -21.24 12.71 -1.61
N VAL A 65 -21.25 13.93 -1.10
CA VAL A 65 -22.30 14.36 -0.16
C VAL A 65 -23.69 14.50 -0.80
N PRO A 66 -23.79 15.10 -2.01
CA PRO A 66 -25.08 15.10 -2.71
C PRO A 66 -25.73 13.72 -2.75
N PHE A 67 -25.05 12.72 -3.32
CA PHE A 67 -25.56 11.35 -3.37
C PHE A 67 -25.87 10.80 -1.97
N GLY A 68 -24.98 11.07 -1.03
CA GLY A 68 -25.16 10.62 0.35
C GLY A 68 -26.37 11.25 1.00
N ALA A 69 -26.65 12.50 0.62
CA ALA A 69 -27.80 13.24 1.14
C ALA A 69 -29.11 12.60 0.70
N THR A 70 -29.23 12.31 -0.60
CA THR A 70 -30.45 11.67 -1.14
C THR A 70 -30.78 10.35 -0.42
N LEU A 71 -29.75 9.60 -0.03
CA LEU A 71 -29.94 8.36 0.70
C LEU A 71 -30.40 8.59 2.14
N VAL A 72 -29.85 9.61 2.80
CA VAL A 72 -30.19 9.90 4.19
C VAL A 72 -31.58 10.54 4.28
N VAL A 73 -31.93 11.35 3.29
CA VAL A 73 -33.26 11.98 3.23
C VAL A 73 -34.34 10.94 2.97
N ARG A 74 -34.18 10.17 1.89
CA ARG A 74 -35.27 9.33 1.36
C ARG A 74 -35.21 7.86 1.76
N GLY A 75 -34.25 7.50 2.62
CA GLY A 75 -34.15 6.15 3.17
C GLY A 75 -33.69 5.04 2.23
N THR A 76 -33.69 5.30 0.93
CA THR A 76 -33.26 4.32 -0.08
C THR A 76 -32.38 4.91 -1.19
N TRP A 77 -31.69 4.03 -1.91
CA TRP A 77 -30.85 4.43 -3.06
C TRP A 77 -31.71 4.52 -4.32
N LEU A 78 -31.66 5.66 -4.99
CA LEU A 78 -32.55 5.95 -6.11
C LEU A 78 -31.85 6.00 -7.47
N TRP A 79 -30.60 5.55 -7.54
CA TRP A 79 -29.77 5.87 -8.71
C TRP A 79 -29.22 4.68 -9.50
N GLY A 80 -29.69 3.47 -9.17
CA GLY A 80 -29.24 2.28 -9.87
C GLY A 80 -27.92 1.78 -9.35
N SER A 81 -27.75 0.46 -9.37
CA SER A 81 -26.60 -0.20 -8.72
C SER A 81 -25.22 0.25 -9.25
N PHE A 82 -25.15 0.64 -10.52
CA PHE A 82 -23.91 1.14 -11.09
C PHE A 82 -23.47 2.44 -10.41
N LEU A 83 -24.40 3.39 -10.25
CA LEU A 83 -24.07 4.64 -9.59
C LEU A 83 -23.76 4.46 -8.12
N CYS A 84 -24.37 3.48 -7.47
CA CYS A 84 -24.04 3.13 -6.09
C CYS A 84 -22.57 2.76 -5.97
N GLU A 85 -22.10 1.90 -6.88
CA GLU A 85 -20.70 1.46 -6.88
C GLU A 85 -19.75 2.61 -7.19
N LEU A 86 -20.06 3.39 -8.22
CA LEU A 86 -19.23 4.54 -8.60
C LEU A 86 -19.20 5.59 -7.48
N TRP A 87 -20.33 5.76 -6.80
CA TRP A 87 -20.41 6.69 -5.67
C TRP A 87 -19.49 6.24 -4.53
N THR A 88 -19.65 4.99 -4.10
CA THR A 88 -18.81 4.42 -3.05
C THR A 88 -17.32 4.51 -3.39
N SER A 89 -17.00 4.24 -4.65
CA SER A 89 -15.62 4.34 -5.14
C SER A 89 -15.04 5.74 -4.98
N LEU A 90 -15.84 6.75 -5.34
CA LEU A 90 -15.44 8.14 -5.18
C LEU A 90 -15.29 8.54 -3.72
N ASP A 91 -16.18 8.01 -2.87
CA ASP A 91 -16.07 8.22 -1.43
C ASP A 91 -14.73 7.71 -0.93
N VAL A 92 -14.48 6.42 -1.15
CA VAL A 92 -13.23 5.77 -0.73
C VAL A 92 -12.01 6.46 -1.36
N LEU A 93 -12.13 6.87 -2.63
CA LEU A 93 -11.03 7.54 -3.34
C LEU A 93 -10.57 8.82 -2.64
N CYS A 94 -11.52 9.68 -2.31
CA CYS A 94 -11.23 11.01 -1.76
C CYS A 94 -10.54 10.98 -0.40
N VAL A 95 -11.02 10.14 0.51
CA VAL A 95 -10.41 10.03 1.84
C VAL A 95 -9.02 9.40 1.73
N THR A 96 -8.82 8.52 0.75
CA THR A 96 -7.51 7.93 0.48
C THR A 96 -6.53 9.00 -0.03
N ALA A 97 -6.94 9.76 -1.04
CA ALA A 97 -6.12 10.82 -1.64
C ALA A 97 -5.79 11.91 -0.63
N SER A 98 -6.74 12.23 0.24
CA SER A 98 -6.56 13.25 1.27
C SER A 98 -5.45 12.91 2.27
N ILE A 99 -5.55 11.73 2.89
CA ILE A 99 -4.54 11.28 3.87
C ILE A 99 -3.16 11.05 3.22
N GLU A 100 -3.16 10.72 1.93
CA GLU A 100 -1.90 10.55 1.20
C GLU A 100 -1.23 11.90 0.87
N THR A 101 -2.04 12.90 0.55
CA THR A 101 -1.52 14.24 0.26
C THR A 101 -1.02 14.89 1.54
N LEU A 102 -1.75 14.74 2.63
CA LEU A 102 -1.31 15.22 3.95
C LEU A 102 -0.01 14.56 4.35
N CYS A 103 0.19 13.34 3.86
CA CYS A 103 1.39 12.59 4.12
C CYS A 103 2.57 13.16 3.33
N VAL A 104 2.31 13.56 2.09
CA VAL A 104 3.31 14.21 1.25
C VAL A 104 3.68 15.56 1.86
N ILE A 105 2.68 16.32 2.28
CA ILE A 105 2.88 17.64 2.89
C ILE A 105 3.84 17.54 4.09
N ALA A 106 3.64 16.54 4.94
CA ALA A 106 4.50 16.34 6.11
C ALA A 106 5.94 16.06 5.70
N ILE A 107 6.12 15.16 4.71
CA ILE A 107 7.44 14.83 4.17
C ILE A 107 8.07 16.06 3.50
N ASP A 108 7.25 16.80 2.76
CA ASP A 108 7.68 18.04 2.12
C ASP A 108 8.30 18.97 3.17
N ARG A 109 7.53 19.29 4.20
CA ARG A 109 7.99 20.19 5.26
C ARG A 109 9.24 19.68 5.96
N TYR A 110 9.29 18.37 6.20
CA TYR A 110 10.44 17.74 6.84
C TYR A 110 11.73 17.95 6.04
N LEU A 111 11.72 17.49 4.79
CA LEU A 111 12.90 17.57 3.91
C LEU A 111 13.32 19.02 3.65
N ALA A 112 12.35 19.92 3.61
CA ALA A 112 12.60 21.36 3.45
C ALA A 112 13.25 21.96 4.69
N ILE A 113 12.92 21.43 5.86
CA ILE A 113 13.52 21.89 7.11
C ILE A 113 14.90 21.29 7.33
N THR A 114 14.98 19.95 7.28
CA THR A 114 16.20 19.24 7.65
C THR A 114 17.30 19.28 6.58
N SER A 115 16.90 19.47 5.33
CA SER A 115 17.85 19.48 4.22
C SER A 115 17.54 20.57 3.18
N PRO A 116 17.47 21.85 3.63
CA PRO A 116 16.90 22.94 2.82
C PRO A 116 17.63 23.19 1.49
N PHE A 117 18.95 22.96 1.48
CA PHE A 117 19.76 23.16 0.29
C PHE A 117 19.45 22.10 -0.75
N ARG A 118 19.36 20.84 -0.31
CA ARG A 118 19.12 19.70 -1.18
C ARG A 118 17.65 19.64 -1.62
N TYR A 119 16.76 20.05 -0.71
CA TYR A 119 15.33 20.15 -1.01
C TYR A 119 15.10 21.14 -2.14
N GLN A 120 15.47 22.40 -1.91
CA GLN A 120 15.20 23.49 -2.85
C GLN A 120 15.87 23.35 -4.23
N SER A 121 16.91 22.52 -4.30
CA SER A 121 17.60 22.23 -5.56
C SER A 121 16.96 21.08 -6.34
N LEU A 122 16.22 20.22 -5.63
CA LEU A 122 15.53 19.08 -6.26
C LEU A 122 14.03 19.31 -6.45
N MET A 123 13.40 19.93 -5.45
CA MET A 123 11.95 20.11 -5.46
C MET A 123 11.54 21.22 -6.42
N THR A 124 10.95 20.82 -7.55
CA THR A 124 10.50 21.77 -8.58
C THR A 124 8.98 21.69 -8.78
N ARG A 125 8.45 22.63 -9.56
CA ARG A 125 7.03 22.65 -9.91
C ARG A 125 6.62 21.42 -10.72
N ALA A 126 7.44 21.04 -11.69
CA ALA A 126 7.18 19.87 -12.52
C ALA A 126 7.08 18.62 -11.64
N ARG A 127 7.92 18.55 -10.61
CA ARG A 127 8.01 17.38 -9.75
C ARG A 127 6.87 17.29 -8.73
N ALA A 128 6.47 18.44 -8.20
CA ALA A 128 5.30 18.49 -7.31
C ALA A 128 4.04 18.02 -8.03
N LYS A 129 3.92 18.36 -9.31
CA LYS A 129 2.82 17.89 -10.14
C LYS A 129 2.86 16.38 -10.35
N VAL A 130 4.06 15.85 -10.60
CA VAL A 130 4.26 14.41 -10.77
C VAL A 130 3.88 13.68 -9.47
N ILE A 131 4.37 14.17 -8.34
CA ILE A 131 4.00 13.65 -7.03
C ILE A 131 2.47 13.61 -6.87
N ILE A 132 1.82 14.75 -7.14
CA ILE A 132 0.36 14.85 -7.03
C ILE A 132 -0.36 13.80 -7.87
N CYS A 133 0.05 13.66 -9.13
CA CYS A 133 -0.53 12.64 -10.01
C CYS A 133 -0.35 11.23 -9.46
N THR A 134 0.85 10.94 -8.98
CA THR A 134 1.18 9.64 -8.41
C THR A 134 0.29 9.34 -7.20
N VAL A 135 0.05 10.35 -6.36
CA VAL A 135 -0.84 10.20 -5.22
C VAL A 135 -2.23 9.82 -5.67
N TRP A 136 -2.74 10.53 -6.67
CA TRP A 136 -4.07 10.24 -7.24
C TRP A 136 -4.13 8.90 -7.98
N ALA A 137 -3.04 8.53 -8.66
CA ALA A 137 -2.95 7.25 -9.35
C ALA A 137 -3.04 6.08 -8.36
N ILE A 138 -2.24 6.16 -7.29
CA ILE A 138 -2.21 5.14 -6.24
C ILE A 138 -3.55 5.09 -5.52
N SER A 139 -4.10 6.25 -5.18
CA SER A 139 -5.40 6.33 -4.53
C SER A 139 -6.50 5.71 -5.38
N ALA A 140 -6.49 6.02 -6.67
CA ALA A 140 -7.43 5.40 -7.62
C ALA A 140 -7.28 3.88 -7.59
N LEU A 141 -6.04 3.39 -7.66
CA LEU A 141 -5.74 1.95 -7.70
C LEU A 141 -6.27 1.20 -6.49
N VAL A 142 -6.00 1.76 -5.32
CA VAL A 142 -6.34 1.17 -4.04
C VAL A 142 -7.83 1.28 -3.73
N SER A 143 -8.46 2.34 -4.23
CA SER A 143 -9.88 2.60 -3.97
C SER A 143 -10.83 2.02 -5.03
N PHE A 144 -10.72 2.52 -6.26
CA PHE A 144 -11.59 2.10 -7.36
C PHE A 144 -11.61 0.59 -7.60
N LEU A 145 -10.47 0.01 -7.99
CA LEU A 145 -10.46 -1.40 -8.46
C LEU A 145 -11.12 -2.44 -7.53
N PRO A 146 -10.71 -2.49 -6.25
CA PRO A 146 -11.32 -3.51 -5.38
C PRO A 146 -12.85 -3.41 -5.29
N ILE A 147 -13.40 -2.21 -5.48
CA ILE A 147 -14.84 -2.01 -5.44
C ILE A 147 -15.52 -2.53 -6.71
N MET A 148 -14.98 -2.14 -7.87
CA MET A 148 -15.48 -2.61 -9.16
C MET A 148 -15.34 -4.13 -9.34
N MET A 149 -14.35 -4.72 -8.68
CA MET A 149 -14.12 -6.17 -8.72
C MET A 149 -14.95 -6.94 -7.68
N HIS A 150 -15.72 -6.21 -6.87
CA HIS A 150 -16.59 -6.82 -5.85
C HIS A 150 -15.80 -7.61 -4.78
N TRP A 151 -14.53 -7.23 -4.60
CA TRP A 151 -13.66 -7.86 -3.60
C TRP A 151 -14.15 -7.60 -2.18
N TRP A 152 -14.97 -6.56 -2.05
CA TRP A 152 -15.52 -6.12 -0.77
C TRP A 152 -16.74 -6.92 -0.35
N ARG A 153 -17.42 -7.52 -1.33
CA ARG A 153 -18.68 -8.22 -1.11
C ARG A 153 -18.52 -9.47 -0.26
N ASP A 154 -19.56 -9.80 0.51
CA ASP A 154 -19.56 -10.96 1.39
C ASP A 154 -20.50 -12.06 0.88
N GLU A 155 -20.37 -13.26 1.46
CA GLU A 155 -21.12 -14.45 1.05
C GLU A 155 -22.56 -14.50 1.60
N ASP A 156 -22.78 -13.95 2.80
CA ASP A 156 -24.09 -13.96 3.47
C ASP A 156 -25.30 -13.69 2.58
N PRO A 157 -26.44 -14.37 2.86
CA PRO A 157 -27.66 -14.23 2.05
C PRO A 157 -28.31 -12.85 2.16
N GLN A 158 -28.22 -12.25 3.35
CA GLN A 158 -28.74 -10.90 3.60
C GLN A 158 -27.96 -9.88 2.77
N ALA A 159 -26.65 -10.09 2.67
CA ALA A 159 -25.77 -9.27 1.83
C ALA A 159 -26.11 -9.45 0.36
N LEU A 160 -26.23 -10.71 -0.07
CA LEU A 160 -26.63 -11.06 -1.44
C LEU A 160 -27.95 -10.40 -1.84
N LYS A 161 -28.85 -10.29 -0.85
CA LYS A 161 -30.15 -9.64 -1.03
C LYS A 161 -29.98 -8.15 -1.31
N CYS A 162 -29.03 -7.54 -0.59
CA CYS A 162 -28.71 -6.11 -0.76
C CYS A 162 -28.02 -5.80 -2.09
N TYR A 163 -27.24 -6.76 -2.61
CA TYR A 163 -26.53 -6.56 -3.87
C TYR A 163 -27.47 -6.53 -5.08
N GLN A 164 -28.46 -7.44 -5.09
CA GLN A 164 -29.45 -7.52 -6.18
C GLN A 164 -30.45 -6.37 -6.16
N ASP A 165 -30.84 -5.93 -4.96
CA ASP A 165 -31.77 -4.82 -4.77
C ASP A 165 -31.11 -3.49 -5.16
N PRO A 166 -31.57 -2.86 -6.25
CA PRO A 166 -31.02 -1.59 -6.70
C PRO A 166 -31.48 -0.39 -5.84
N GLY A 167 -32.07 -0.70 -4.69
CA GLY A 167 -32.46 0.31 -3.71
C GLY A 167 -31.61 0.20 -2.46
N CYS A 168 -30.89 -0.90 -2.32
CA CYS A 168 -29.90 -1.07 -1.26
C CYS A 168 -28.53 -0.63 -1.76
N CYS A 169 -27.92 0.29 -1.01
CA CYS A 169 -26.59 0.79 -1.30
C CYS A 169 -25.78 0.86 -0.01
N ASP A 170 -25.95 -0.16 0.83
CA ASP A 170 -25.20 -0.28 2.08
C ASP A 170 -23.86 -0.93 1.77
N PHE A 171 -22.80 -0.41 2.37
CA PHE A 171 -21.46 -0.95 2.15
C PHE A 171 -21.21 -2.07 3.15
N VAL A 172 -21.95 -3.16 2.98
CA VAL A 172 -21.77 -4.38 3.73
C VAL A 172 -20.58 -5.12 3.11
N THR A 173 -19.43 -5.00 3.75
CA THR A 173 -18.19 -5.56 3.23
C THR A 173 -17.77 -6.75 4.07
N ASN A 174 -17.06 -7.69 3.46
CA ASN A 174 -16.50 -8.81 4.21
C ASN A 174 -15.37 -8.34 5.13
N ARG A 175 -14.98 -9.18 6.08
CA ARG A 175 -14.01 -8.79 7.12
C ARG A 175 -12.61 -8.53 6.58
N ALA A 176 -12.20 -9.30 5.58
CA ALA A 176 -10.88 -9.13 4.96
C ALA A 176 -10.77 -7.77 4.29
N TYR A 177 -11.75 -7.42 3.45
CA TYR A 177 -11.75 -6.11 2.81
C TYR A 177 -11.80 -4.99 3.83
N ALA A 178 -12.71 -5.09 4.80
CA ALA A 178 -12.80 -4.10 5.85
C ALA A 178 -11.44 -3.83 6.48
N ILE A 179 -10.72 -4.89 6.86
CA ILE A 179 -9.41 -4.74 7.49
C ILE A 179 -8.35 -4.22 6.52
N ALA A 180 -8.18 -4.92 5.40
CA ALA A 180 -7.18 -4.54 4.39
C ALA A 180 -7.33 -3.09 3.93
N SER A 181 -8.53 -2.73 3.47
CA SER A 181 -8.79 -1.40 2.92
C SER A 181 -8.62 -0.29 3.96
N SER A 182 -8.91 -0.60 5.21
CA SER A 182 -8.68 0.36 6.30
C SER A 182 -7.20 0.59 6.51
N ILE A 183 -6.42 -0.49 6.51
CA ILE A 183 -4.98 -0.41 6.69
C ILE A 183 -4.32 0.33 5.52
N ILE A 184 -4.65 -0.08 4.31
CA ILE A 184 -4.03 0.46 3.09
C ILE A 184 -4.43 1.91 2.80
N SER A 185 -5.71 2.23 2.97
CA SER A 185 -6.19 3.58 2.66
C SER A 185 -5.98 4.59 3.78
N PHE A 186 -5.95 4.12 5.02
CA PHE A 186 -5.98 5.03 6.17
C PHE A 186 -4.84 4.81 7.17
N TYR A 187 -4.80 3.64 7.79
CA TYR A 187 -3.90 3.38 8.92
C TYR A 187 -2.40 3.53 8.65
N ILE A 188 -1.92 2.98 7.52
CA ILE A 188 -0.51 3.14 7.16
C ILE A 188 -0.13 4.61 6.92
N PRO A 189 -0.84 5.31 6.00
CA PRO A 189 -0.47 6.72 5.79
C PRO A 189 -0.66 7.61 7.03
N LEU A 190 -1.61 7.26 7.91
CA LEU A 190 -1.82 8.02 9.14
C LEU A 190 -0.60 7.90 10.07
N LEU A 191 -0.09 6.68 10.21
CA LEU A 191 1.09 6.45 11.04
C LEU A 191 2.32 7.16 10.48
N ILE A 192 2.52 7.06 9.16
CA ILE A 192 3.60 7.77 8.50
C ILE A 192 3.48 9.29 8.73
N MET A 193 2.26 9.82 8.56
CA MET A 193 2.03 11.24 8.77
C MET A 193 2.35 11.68 10.20
N ILE A 194 1.82 10.96 11.18
CA ILE A 194 2.08 11.28 12.60
C ILE A 194 3.59 11.19 12.89
N PHE A 195 4.23 10.11 12.46
CA PHE A 195 5.66 9.94 12.65
C PHE A 195 6.46 11.13 12.10
N VAL A 196 6.19 11.49 10.85
CA VAL A 196 6.89 12.60 10.19
C VAL A 196 6.52 13.95 10.82
N ALA A 197 5.25 14.14 11.17
CA ALA A 197 4.79 15.40 11.75
C ALA A 197 5.44 15.70 13.11
N LEU A 198 5.63 14.66 13.92
CA LEU A 198 6.32 14.81 15.20
C LEU A 198 7.79 15.15 14.99
N ARG A 199 8.40 14.55 13.97
CA ARG A 199 9.79 14.85 13.61
C ARG A 199 9.95 16.32 13.21
N VAL A 200 8.99 16.84 12.44
CA VAL A 200 8.99 18.25 12.04
C VAL A 200 8.85 19.14 13.27
N TYR A 201 7.92 18.80 14.16
CA TYR A 201 7.70 19.56 15.38
C TYR A 201 8.98 19.66 16.22
N ARG A 202 9.74 18.56 16.26
CA ARG A 202 11.03 18.53 16.95
C ARG A 202 12.07 19.40 16.25
N GLU A 203 12.17 19.24 14.92
CA GLU A 203 13.16 19.96 14.12
C GLU A 203 12.87 21.47 14.01
N ALA A 204 11.62 21.84 14.26
CA ALA A 204 11.21 23.25 14.24
C ALA A 204 11.80 24.01 15.44
N LYS A 205 11.72 23.41 16.62
CA LYS A 205 12.24 24.04 17.85
C LYS A 205 13.76 24.11 17.86
N GLU A 206 14.41 23.07 17.34
CA GLU A 206 15.86 23.00 17.29
C GLU A 206 16.47 24.01 16.31
N GLN A 207 15.71 24.36 15.27
CA GLN A 207 16.16 25.31 14.25
C GLN A 207 16.26 26.73 14.81
N LEU A 224 11.83 34.39 11.22
CA LEU A 224 11.33 33.04 10.93
C LEU A 224 9.91 32.82 11.46
N MET A 225 9.11 33.88 11.51
CA MET A 225 7.73 33.80 11.98
C MET A 225 6.77 33.29 10.91
N ARG A 226 7.02 33.65 9.65
CA ARG A 226 6.11 33.32 8.55
C ARG A 226 6.34 31.91 8.00
N GLU A 227 7.57 31.41 8.11
CA GLU A 227 7.90 30.02 7.77
C GLU A 227 7.21 29.10 8.78
N HIS A 228 7.32 29.43 10.06
CA HIS A 228 6.50 28.83 11.11
C HIS A 228 5.09 29.43 11.01
N LYS A 229 4.22 29.10 11.97
CA LYS A 229 2.81 29.54 11.94
C LYS A 229 2.03 28.91 10.78
N ALA A 230 2.57 29.05 9.57
CA ALA A 230 2.08 28.33 8.39
C ALA A 230 2.20 26.82 8.63
N LEU A 231 3.35 26.41 9.17
CA LEU A 231 3.59 25.02 9.59
C LEU A 231 2.60 24.57 10.65
N LYS A 232 2.32 25.45 11.61
CA LYS A 232 1.36 25.15 12.66
C LYS A 232 -0.03 24.95 12.05
N THR A 233 -0.39 25.81 11.10
CA THR A 233 -1.61 25.67 10.32
C THR A 233 -1.72 24.26 9.71
N LEU A 234 -0.66 23.83 9.05
CA LEU A 234 -0.58 22.49 8.46
C LEU A 234 -0.71 21.41 9.54
N GLY A 235 -0.16 21.69 10.73
CA GLY A 235 -0.31 20.79 11.87
C GLY A 235 -1.74 20.70 12.34
N ILE A 236 -2.50 21.79 12.21
CA ILE A 236 -3.91 21.81 12.57
C ILE A 236 -4.74 20.98 11.59
N ILE A 237 -4.56 21.22 10.29
CA ILE A 237 -5.36 20.49 9.30
C ILE A 237 -5.16 18.98 9.41
N MET A 238 -3.93 18.56 9.67
CA MET A 238 -3.61 17.14 9.87
C MET A 238 -4.27 16.58 11.13
N GLY A 239 -4.24 17.36 12.20
CA GLY A 239 -4.85 16.96 13.47
C GLY A 239 -6.35 16.86 13.38
N VAL A 240 -6.98 17.86 12.76
CA VAL A 240 -8.43 17.90 12.61
C VAL A 240 -8.93 16.74 11.75
N PHE A 241 -8.24 16.50 10.62
CA PHE A 241 -8.51 15.36 9.75
C PHE A 241 -8.51 14.05 10.54
N THR A 242 -7.49 13.87 11.37
CA THR A 242 -7.37 12.70 12.22
C THR A 242 -8.58 12.59 13.16
N LEU A 243 -8.95 13.70 13.78
CA LEU A 243 -10.10 13.71 14.70
C LEU A 243 -11.43 13.42 13.98
N CYS A 244 -11.54 13.86 12.74
CA CYS A 244 -12.77 13.65 11.98
C CYS A 244 -12.92 12.22 11.45
N TRP A 245 -11.80 11.57 11.14
CA TRP A 245 -11.83 10.26 10.49
C TRP A 245 -11.50 9.07 11.38
N LEU A 246 -10.69 9.28 12.40
CA LEU A 246 -10.31 8.18 13.30
C LEU A 246 -11.51 7.48 13.96
N PRO A 247 -12.52 8.24 14.41
CA PRO A 247 -13.69 7.58 14.99
C PRO A 247 -14.35 6.58 14.03
N PHE A 248 -14.52 6.98 12.78
CA PHE A 248 -15.10 6.10 11.76
C PHE A 248 -14.29 4.82 11.54
N PHE A 249 -12.98 4.98 11.36
CA PHE A 249 -12.10 3.84 11.07
C PHE A 249 -11.87 2.93 12.27
N LEU A 250 -12.02 3.48 13.47
CA LEU A 250 -11.94 2.68 14.69
C LEU A 250 -13.16 1.79 14.81
N VAL A 251 -14.33 2.39 14.64
CA VAL A 251 -15.60 1.65 14.62
C VAL A 251 -15.58 0.57 13.53
N ASN A 252 -15.16 0.96 12.32
CA ASN A 252 -15.04 0.04 11.17
C ASN A 252 -14.27 -1.24 11.52
N ILE A 253 -13.22 -1.10 12.33
CA ILE A 253 -12.40 -2.24 12.75
C ILE A 253 -13.08 -3.02 13.88
N VAL A 254 -13.76 -2.31 14.77
CA VAL A 254 -14.52 -2.93 15.87
C VAL A 254 -15.70 -3.78 15.32
N ASN A 255 -16.38 -3.23 14.31
CA ASN A 255 -17.47 -3.93 13.60
C ASN A 255 -17.10 -5.28 13.02
N VAL A 256 -15.81 -5.54 12.86
CA VAL A 256 -15.34 -6.82 12.35
C VAL A 256 -15.30 -7.86 13.47
N PHE A 257 -14.93 -7.42 14.68
CA PHE A 257 -14.82 -8.32 15.83
C PHE A 257 -16.16 -8.61 16.51
N ASN A 258 -17.09 -7.65 16.42
CA ASN A 258 -18.45 -7.79 16.96
C ASN A 258 -19.41 -6.82 16.28
N ARG A 259 -20.37 -7.36 15.52
CA ARG A 259 -21.23 -6.54 14.67
C ARG A 259 -22.24 -5.67 15.41
N ASP A 260 -22.52 -6.01 16.67
CA ASP A 260 -23.65 -5.42 17.39
C ASP A 260 -23.31 -4.36 18.44
N LEU A 261 -22.03 -4.19 18.74
CA LEU A 261 -21.58 -3.23 19.78
C LEU A 261 -21.90 -1.78 19.45
N VAL A 262 -21.60 -1.37 18.21
CA VAL A 262 -21.83 0.01 17.78
C VAL A 262 -23.19 0.13 17.11
N PRO A 263 -24.03 1.08 17.57
CA PRO A 263 -25.33 1.33 16.95
C PRO A 263 -25.24 1.98 15.57
N ASP A 264 -26.13 1.54 14.66
CA ASP A 264 -26.24 2.05 13.29
C ASP A 264 -26.06 3.56 13.16
N TRP A 265 -26.75 4.32 14.02
CA TRP A 265 -26.70 5.78 13.96
C TRP A 265 -25.29 6.33 14.22
N LEU A 266 -24.59 5.75 15.21
CA LEU A 266 -23.25 6.21 15.59
C LEU A 266 -22.25 6.03 14.44
N PHE A 267 -22.36 4.91 13.74
CA PHE A 267 -21.58 4.61 12.55
C PHE A 267 -21.87 5.62 11.42
N VAL A 268 -23.16 5.82 11.13
CA VAL A 268 -23.57 6.81 10.12
C VAL A 268 -23.14 8.23 10.52
N ALA A 269 -23.25 8.56 11.80
CA ALA A 269 -22.86 9.88 12.31
C ALA A 269 -21.37 10.14 12.12
N PHE A 270 -20.55 9.19 12.56
CA PHE A 270 -19.10 9.26 12.41
C PHE A 270 -18.65 9.38 10.94
N ASN A 271 -19.36 8.69 10.05
CA ASN A 271 -19.11 8.82 8.62
C ASN A 271 -19.43 10.24 8.14
N TRP A 272 -20.43 10.87 8.77
CA TRP A 272 -20.79 12.24 8.42
C TRP A 272 -19.83 13.29 9.00
N LEU A 273 -19.28 12.99 10.18
CA LEU A 273 -18.21 13.80 10.75
C LEU A 273 -17.03 13.87 9.78
N GLY A 274 -16.67 12.72 9.22
CA GLY A 274 -15.63 12.62 8.19
C GLY A 274 -15.96 13.42 6.95
N TYR A 275 -17.21 13.35 6.51
CA TYR A 275 -17.65 14.15 5.38
C TYR A 275 -17.50 15.63 5.69
N ALA A 276 -17.87 16.02 6.91
CA ALA A 276 -17.82 17.40 7.38
C ALA A 276 -16.42 18.00 7.27
N ASN A 277 -15.41 17.18 7.50
CA ASN A 277 -14.02 17.61 7.41
C ASN A 277 -13.67 18.35 6.11
N SER A 278 -14.43 18.07 5.04
CA SER A 278 -14.21 18.70 3.73
C SER A 278 -14.57 20.19 3.70
N ALA A 279 -15.30 20.64 4.72
CA ALA A 279 -15.67 22.06 4.85
C ALA A 279 -14.74 22.83 5.81
N MET A 280 -13.84 22.11 6.48
CA MET A 280 -13.08 22.68 7.58
C MET A 280 -11.79 23.39 7.19
N ASN A 281 -11.08 22.87 6.19
CA ASN A 281 -9.79 23.45 5.79
C ASN A 281 -9.86 24.93 5.39
N PRO A 282 -10.78 25.30 4.47
CA PRO A 282 -10.89 26.71 4.07
C PRO A 282 -11.06 27.66 5.26
N ILE A 283 -11.80 27.22 6.27
CA ILE A 283 -11.94 27.98 7.51
C ILE A 283 -10.60 28.10 8.23
N ILE A 284 -9.89 26.98 8.37
CA ILE A 284 -8.58 26.93 9.04
C ILE A 284 -7.52 27.79 8.31
N TYR A 285 -7.64 27.90 6.98
CA TYR A 285 -6.71 28.72 6.20
C TYR A 285 -6.85 30.23 6.45
N CYS A 286 -7.91 30.62 7.15
CA CYS A 286 -8.14 32.03 7.46
C CYS A 286 -7.21 32.57 8.54
N ARG A 287 -6.48 31.67 9.20
CA ARG A 287 -5.41 32.04 10.12
C ARG A 287 -4.27 32.73 9.36
N SER A 288 -4.03 32.27 8.13
CA SER A 288 -3.06 32.87 7.25
C SER A 288 -3.67 34.13 6.61
N PRO A 289 -3.14 35.31 6.98
CA PRO A 289 -3.70 36.60 6.55
C PRO A 289 -3.74 36.80 5.03
N ASP A 290 -2.79 36.19 4.33
CA ASP A 290 -2.71 36.30 2.87
C ASP A 290 -3.87 35.58 2.18
N PHE A 291 -4.27 34.43 2.73
CA PHE A 291 -5.48 33.74 2.30
C PHE A 291 -6.70 34.61 2.59
N ARG A 292 -6.72 35.17 3.81
CA ARG A 292 -7.79 36.04 4.28
C ARG A 292 -7.99 37.25 3.37
N LYS A 293 -6.89 37.86 2.94
CA LYS A 293 -6.93 38.98 2.00
C LYS A 293 -7.37 38.56 0.60
N ALA A 294 -6.92 37.38 0.17
CA ALA A 294 -7.31 36.82 -1.12
C ALA A 294 -8.78 36.39 -1.15
N PHE A 295 -9.29 35.94 0.00
CA PHE A 295 -10.70 35.61 0.15
C PHE A 295 -11.57 36.85 0.03
N LYS A 296 -11.17 37.90 0.74
CA LYS A 296 -11.90 39.18 0.74
C LYS A 296 -11.94 39.83 -0.65
N ARG A 297 -10.83 39.74 -1.37
CA ARG A 297 -10.73 40.27 -2.73
C ARG A 297 -11.65 39.52 -3.70
N LEU A 298 -11.64 38.20 -3.62
CA LEU A 298 -12.42 37.35 -4.53
C LEU A 298 -13.93 37.49 -4.35
N LEU A 299 -14.37 37.61 -3.09
CA LEU A 299 -15.79 37.77 -2.76
C LEU A 299 -16.32 39.16 -3.18
N ALA A 300 -15.85 39.65 -4.32
CA ALA A 300 -16.15 40.99 -4.84
C ALA A 300 -17.65 41.21 -5.05
N ALA B 3 36.78 -15.61 -31.21
CA ALA B 3 35.64 -14.68 -30.96
C ALA B 3 34.33 -15.46 -30.84
N GLU B 4 34.00 -16.22 -31.88
CA GLU B 4 32.75 -16.99 -31.93
C GLU B 4 32.81 -18.24 -31.03
N LEU B 5 34.03 -18.71 -30.79
CA LEU B 5 34.26 -19.86 -29.90
C LEU B 5 34.20 -19.44 -28.42
N LEU B 6 34.49 -18.17 -28.17
CA LEU B 6 34.35 -17.56 -26.85
C LEU B 6 32.87 -17.33 -26.56
N SER B 7 32.13 -16.97 -27.61
CA SER B 7 30.68 -16.80 -27.55
C SER B 7 29.98 -18.16 -27.36
N GLN B 8 30.51 -19.18 -28.04
CA GLN B 8 30.03 -20.56 -27.94
C GLN B 8 30.13 -21.10 -26.52
N GLN B 9 31.23 -20.80 -25.84
CA GLN B 9 31.47 -21.23 -24.46
C GLN B 9 30.49 -20.57 -23.50
N TRP B 10 30.35 -19.25 -23.58
CA TRP B 10 29.46 -18.46 -22.74
C TRP B 10 28.02 -19.01 -22.74
N GLU B 11 27.43 -19.12 -23.93
CA GLU B 11 26.04 -19.56 -24.07
C GLU B 11 25.79 -20.99 -23.56
N ALA B 12 26.75 -21.88 -23.80
CA ALA B 12 26.63 -23.28 -23.36
C ALA B 12 26.87 -23.43 -21.86
N GLY B 13 27.80 -22.65 -21.31
CA GLY B 13 28.14 -22.69 -19.89
C GLY B 13 27.07 -22.07 -19.00
N MET B 14 26.55 -20.93 -19.42
CA MET B 14 25.51 -20.21 -18.68
C MET B 14 24.21 -20.98 -18.60
N SER B 15 23.83 -21.61 -19.71
CA SER B 15 22.60 -22.40 -19.77
C SER B 15 22.60 -23.54 -18.75
N LEU B 16 23.78 -24.07 -18.47
CA LEU B 16 23.96 -25.10 -17.43
C LEU B 16 23.81 -24.50 -16.03
N LEU B 17 24.42 -23.34 -15.82
CA LEU B 17 24.33 -22.62 -14.55
C LEU B 17 22.89 -22.22 -14.23
N MET B 18 22.19 -21.70 -15.24
CA MET B 18 20.78 -21.32 -15.13
C MET B 18 19.89 -22.52 -14.85
N ALA B 19 20.13 -23.62 -15.56
CA ALA B 19 19.36 -24.86 -15.35
C ALA B 19 19.59 -25.41 -13.94
N LEU B 20 20.80 -25.27 -13.42
CA LEU B 20 21.12 -25.66 -12.05
C LEU B 20 20.32 -24.81 -11.05
N VAL B 21 20.33 -23.49 -11.26
CA VAL B 21 19.57 -22.54 -10.44
C VAL B 21 18.07 -22.88 -10.45
N VAL B 22 17.51 -23.04 -11.65
CA VAL B 22 16.10 -23.43 -11.80
C VAL B 22 15.79 -24.73 -11.03
N LEU B 23 16.67 -25.73 -11.16
CA LEU B 23 16.48 -27.01 -10.47
C LEU B 23 16.54 -26.87 -8.96
N LEU B 24 17.50 -26.10 -8.46
CA LEU B 24 17.65 -25.90 -7.02
C LEU B 24 16.42 -25.22 -6.41
N ILE B 25 15.90 -24.20 -7.09
CA ILE B 25 14.68 -23.50 -6.65
C ILE B 25 13.47 -24.43 -6.68
N VAL B 26 13.22 -25.07 -7.83
CA VAL B 26 12.04 -25.92 -7.98
C VAL B 26 12.08 -27.16 -7.08
N ALA B 27 13.22 -27.85 -7.04
CA ALA B 27 13.38 -29.02 -6.19
C ALA B 27 13.20 -28.67 -4.70
N GLY B 28 13.98 -27.69 -4.24
CA GLY B 28 13.94 -27.24 -2.85
C GLY B 28 12.56 -26.88 -2.34
N ASN B 29 11.83 -26.07 -3.11
CA ASN B 29 10.52 -25.57 -2.69
C ASN B 29 9.40 -26.59 -2.81
N VAL B 30 9.50 -27.47 -3.80
CA VAL B 30 8.54 -28.57 -3.97
C VAL B 30 8.64 -29.52 -2.77
N LEU B 31 9.88 -29.72 -2.30
CA LEU B 31 10.12 -30.48 -1.07
C LEU B 31 9.46 -29.84 0.15
N VAL B 32 9.61 -28.51 0.28
CA VAL B 32 9.03 -27.77 1.40
C VAL B 32 7.49 -27.85 1.40
N ILE B 33 6.89 -27.70 0.22
CA ILE B 33 5.44 -27.81 0.07
C ILE B 33 4.96 -29.23 0.37
N ALA B 34 5.74 -30.22 -0.08
CA ALA B 34 5.41 -31.63 0.14
C ALA B 34 5.61 -32.06 1.60
N ALA B 35 6.72 -31.62 2.19
CA ALA B 35 7.00 -31.89 3.61
C ALA B 35 5.86 -31.45 4.50
N ILE B 36 5.47 -30.17 4.39
CA ILE B 36 4.35 -29.61 5.14
C ILE B 36 3.03 -30.32 4.81
N GLY B 37 2.81 -30.55 3.52
CA GLY B 37 1.56 -31.15 3.03
C GLY B 37 1.32 -32.60 3.43
N SER B 38 2.37 -33.29 3.86
CA SER B 38 2.28 -34.72 4.20
C SER B 38 2.83 -35.07 5.59
N THR B 39 3.16 -34.06 6.39
CA THR B 39 3.59 -34.28 7.76
C THR B 39 2.72 -33.45 8.71
N GLN B 40 1.89 -34.14 9.48
CA GLN B 40 0.94 -33.49 10.40
C GLN B 40 1.59 -32.87 11.63
N ARG B 41 2.86 -33.19 11.86
CA ARG B 41 3.67 -32.50 12.87
C ARG B 41 4.04 -31.09 12.35
N LEU B 42 4.19 -30.97 11.04
CA LEU B 42 4.56 -29.70 10.41
C LEU B 42 3.34 -28.85 10.03
N GLN B 43 2.15 -29.41 10.16
CA GLN B 43 0.93 -28.72 9.73
C GLN B 43 0.44 -27.70 10.75
N THR B 44 1.31 -26.74 11.07
CA THR B 44 0.98 -25.62 11.95
C THR B 44 0.37 -24.48 11.13
N LEU B 45 -0.18 -23.47 11.83
CA LEU B 45 -0.72 -22.28 11.17
C LEU B 45 0.40 -21.45 10.53
N THR B 46 1.51 -21.33 11.25
CA THR B 46 2.70 -20.62 10.76
C THR B 46 3.21 -21.23 9.45
N ASN B 47 3.19 -22.55 9.35
CA ASN B 47 3.66 -23.23 8.14
C ASN B 47 2.73 -23.09 6.93
N LEU B 48 1.50 -22.62 7.17
CA LEU B 48 0.60 -22.22 6.09
C LEU B 48 1.13 -20.97 5.38
N PHE B 49 1.73 -20.09 6.16
CA PHE B 49 2.38 -18.90 5.61
C PHE B 49 3.70 -19.25 4.92
N ILE B 50 4.37 -20.27 5.44
CA ILE B 50 5.59 -20.81 4.82
C ILE B 50 5.28 -21.46 3.46
N THR B 51 4.13 -22.13 3.36
CA THR B 51 3.65 -22.68 2.10
C THR B 51 3.47 -21.58 1.05
N SER B 52 2.69 -20.56 1.41
CA SER B 52 2.46 -19.37 0.58
C SER B 52 3.78 -18.80 0.06
N LEU B 53 4.73 -18.64 0.99
CA LEU B 53 6.06 -18.13 0.67
C LEU B 53 6.80 -19.05 -0.32
N ALA B 54 6.61 -20.36 -0.18
CA ALA B 54 7.24 -21.35 -1.07
C ALA B 54 6.62 -21.34 -2.47
N CYS B 55 5.32 -21.10 -2.54
CA CYS B 55 4.63 -20.92 -3.83
C CYS B 55 5.16 -19.71 -4.59
N ALA B 56 5.38 -18.61 -3.86
CA ALA B 56 5.96 -17.40 -4.44
C ALA B 56 7.35 -17.67 -4.99
N ASP B 57 8.14 -18.45 -4.24
CA ASP B 57 9.47 -18.86 -4.69
C ASP B 57 9.40 -19.90 -5.80
N LEU B 58 8.33 -20.71 -5.80
CA LEU B 58 8.12 -21.71 -6.84
C LEU B 58 7.84 -21.06 -8.18
N VAL B 59 6.97 -20.05 -8.19
CA VAL B 59 6.64 -19.29 -9.40
C VAL B 59 7.88 -18.59 -9.98
N VAL B 60 8.81 -18.19 -9.10
CA VAL B 60 10.09 -17.62 -9.53
C VAL B 60 10.90 -18.66 -10.29
N GLY B 61 10.93 -19.88 -9.76
CA GLY B 61 11.68 -20.98 -10.35
C GLY B 61 11.10 -21.54 -11.64
N LEU B 62 9.78 -21.54 -11.76
CA LEU B 62 9.11 -22.10 -12.93
C LEU B 62 8.92 -21.08 -14.05
N LEU B 63 8.81 -19.81 -13.70
CA LEU B 63 8.47 -18.78 -14.70
C LEU B 63 9.44 -17.61 -14.77
N VAL B 64 9.73 -17.00 -13.63
CA VAL B 64 10.51 -15.76 -13.62
C VAL B 64 11.94 -15.99 -14.12
N VAL B 65 12.64 -16.94 -13.52
CA VAL B 65 14.05 -17.22 -13.87
C VAL B 65 14.23 -17.86 -15.26
N PRO B 66 13.39 -18.85 -15.63
CA PRO B 66 13.44 -19.36 -16.99
C PRO B 66 13.45 -18.24 -18.05
N PHE B 67 12.41 -17.40 -18.06
CA PHE B 67 12.34 -16.27 -18.99
C PHE B 67 13.54 -15.33 -18.86
N GLY B 68 13.96 -15.06 -17.63
CA GLY B 68 15.11 -14.21 -17.36
C GLY B 68 16.41 -14.80 -17.89
N ALA B 69 16.50 -16.13 -17.83
CA ALA B 69 17.66 -16.85 -18.33
C ALA B 69 17.79 -16.67 -19.85
N THR B 70 16.71 -16.89 -20.58
CA THR B 70 16.73 -16.76 -22.05
C THR B 70 17.21 -15.38 -22.48
N LEU B 71 16.88 -14.34 -21.71
CA LEU B 71 17.31 -12.98 -21.99
C LEU B 71 18.80 -12.77 -21.72
N VAL B 72 19.29 -13.37 -20.62
CA VAL B 72 20.70 -13.23 -20.24
C VAL B 72 21.62 -14.05 -21.15
N VAL B 73 21.14 -15.23 -21.57
CA VAL B 73 21.87 -16.08 -22.51
C VAL B 73 21.96 -15.44 -23.90
N ARG B 74 20.80 -15.10 -24.47
CA ARG B 74 20.72 -14.63 -25.86
C ARG B 74 20.86 -13.12 -26.04
N GLY B 75 21.15 -12.40 -24.96
CA GLY B 75 21.38 -10.96 -25.00
C GLY B 75 20.19 -10.08 -25.38
N THR B 76 19.07 -10.69 -25.74
CA THR B 76 17.85 -9.94 -26.11
C THR B 76 16.57 -10.75 -25.84
N TRP B 77 15.42 -10.09 -25.92
CA TRP B 77 14.13 -10.72 -25.65
C TRP B 77 13.55 -11.40 -26.88
N LEU B 78 13.24 -12.69 -26.76
CA LEU B 78 12.79 -13.49 -27.90
C LEU B 78 11.36 -13.99 -27.72
N TRP B 79 10.54 -13.24 -27.00
CA TRP B 79 9.21 -13.73 -26.63
C TRP B 79 8.07 -12.73 -26.90
N GLY B 80 8.43 -11.56 -27.44
CA GLY B 80 7.45 -10.56 -27.83
C GLY B 80 7.05 -9.59 -26.73
N SER B 81 6.39 -8.51 -27.13
CA SER B 81 5.97 -7.44 -26.22
C SER B 81 5.06 -7.91 -25.08
N PHE B 82 4.07 -8.74 -25.43
CA PHE B 82 3.09 -9.20 -24.44
C PHE B 82 3.72 -10.01 -23.31
N LEU B 83 4.33 -11.15 -23.64
CA LEU B 83 4.96 -12.00 -22.62
C LEU B 83 5.99 -11.26 -21.78
N CYS B 84 6.65 -10.26 -22.39
CA CYS B 84 7.57 -9.39 -21.65
C CYS B 84 6.83 -8.72 -20.49
N GLU B 85 5.66 -8.16 -20.77
CA GLU B 85 4.87 -7.48 -19.75
C GLU B 85 4.37 -8.42 -18.66
N LEU B 86 3.80 -9.56 -19.07
CA LEU B 86 3.33 -10.58 -18.13
C LEU B 86 4.48 -11.15 -17.29
N TRP B 87 5.65 -11.30 -17.90
CA TRP B 87 6.84 -11.76 -17.18
C TRP B 87 7.26 -10.77 -16.10
N THR B 88 7.40 -9.50 -16.47
CA THR B 88 7.76 -8.44 -15.54
C THR B 88 6.76 -8.32 -14.39
N SER B 89 5.47 -8.46 -14.73
CA SER B 89 4.39 -8.44 -13.73
C SER B 89 4.53 -9.56 -12.70
N LEU B 90 4.85 -10.77 -13.17
CA LEU B 90 5.08 -11.90 -12.29
C LEU B 90 6.32 -11.72 -11.42
N ASP B 91 7.35 -11.12 -11.99
CA ASP B 91 8.56 -10.80 -11.25
C ASP B 91 8.21 -9.87 -10.09
N VAL B 92 7.61 -8.73 -10.41
CA VAL B 92 7.19 -7.74 -9.42
C VAL B 92 6.21 -8.36 -8.41
N LEU B 93 5.28 -9.19 -8.89
CA LEU B 93 4.29 -9.83 -8.02
C LEU B 93 4.91 -10.68 -6.90
N CYS B 94 5.87 -11.52 -7.27
CA CYS B 94 6.46 -12.49 -6.34
C CYS B 94 7.28 -11.86 -5.22
N VAL B 95 8.10 -10.87 -5.54
CA VAL B 95 8.87 -10.16 -4.52
C VAL B 95 7.94 -9.36 -3.59
N THR B 96 6.85 -8.84 -4.14
CA THR B 96 5.84 -8.14 -3.36
C THR B 96 5.15 -9.09 -2.37
N ALA B 97 4.67 -10.22 -2.88
CA ALA B 97 3.99 -11.22 -2.06
C ALA B 97 4.90 -11.82 -0.99
N SER B 98 6.18 -11.99 -1.32
CA SER B 98 7.15 -12.54 -0.39
C SER B 98 7.35 -11.65 0.85
N ILE B 99 7.66 -10.37 0.62
CA ILE B 99 7.89 -9.42 1.70
C ILE B 99 6.62 -9.17 2.50
N GLU B 100 5.46 -9.31 1.87
CA GLU B 100 4.19 -9.16 2.58
C GLU B 100 3.87 -10.38 3.47
N THR B 101 4.24 -11.56 3.01
CA THR B 101 4.01 -12.78 3.78
C THR B 101 4.98 -12.86 4.96
N LEU B 102 6.23 -12.45 4.74
CA LEU B 102 7.21 -12.33 5.83
C LEU B 102 6.75 -11.33 6.87
N CYS B 103 5.99 -10.35 6.42
CA CYS B 103 5.43 -9.32 7.27
C CYS B 103 4.33 -9.89 8.12
N VAL B 104 3.50 -10.74 7.53
CA VAL B 104 2.42 -11.43 8.24
C VAL B 104 3.02 -12.39 9.27
N ILE B 105 4.06 -13.13 8.87
CA ILE B 105 4.75 -14.07 9.75
C ILE B 105 5.27 -13.38 11.02
N ALA B 106 5.85 -12.20 10.87
CA ALA B 106 6.36 -11.42 12.00
C ALA B 106 5.22 -11.01 12.94
N ILE B 107 4.14 -10.50 12.37
CA ILE B 107 2.95 -10.14 13.16
C ILE B 107 2.33 -11.36 13.84
N ASP B 108 2.25 -12.47 13.10
CA ASP B 108 1.77 -13.74 13.63
C ASP B 108 2.55 -14.10 14.90
N ARG B 109 3.87 -14.18 14.78
CA ARG B 109 4.74 -14.53 15.91
C ARG B 109 4.62 -13.56 17.08
N TYR B 110 4.50 -12.27 16.78
CA TYR B 110 4.33 -11.25 17.79
C TYR B 110 3.08 -11.48 18.65
N LEU B 111 1.93 -11.63 17.99
CA LEU B 111 0.68 -11.95 18.67
C LEU B 111 0.79 -13.26 19.47
N ALA B 112 1.53 -14.23 18.93
CA ALA B 112 1.67 -15.54 19.56
C ALA B 112 2.58 -15.56 20.79
N ILE B 113 3.52 -14.62 20.87
CA ILE B 113 4.37 -14.45 22.05
C ILE B 113 3.70 -13.55 23.08
N THR B 114 3.28 -12.37 22.62
CA THR B 114 2.60 -11.37 23.45
C THR B 114 1.39 -11.96 24.18
N SER B 115 0.49 -12.59 23.43
CA SER B 115 -0.75 -13.08 23.99
C SER B 115 -1.12 -14.49 23.49
N PRO B 116 -0.41 -15.52 24.01
CA PRO B 116 -0.61 -16.91 23.56
C PRO B 116 -2.08 -17.36 23.50
N PHE B 117 -2.84 -17.08 24.56
CA PHE B 117 -4.24 -17.52 24.62
C PHE B 117 -5.12 -16.71 23.69
N ARG B 118 -4.85 -15.41 23.61
CA ARG B 118 -5.57 -14.52 22.70
C ARG B 118 -5.28 -14.90 21.25
N TYR B 119 -4.06 -15.38 21.00
CA TYR B 119 -3.64 -15.88 19.69
C TYR B 119 -4.37 -17.17 19.33
N GLN B 120 -4.42 -18.10 20.30
CA GLN B 120 -5.10 -19.39 20.15
C GLN B 120 -6.56 -19.23 19.74
N SER B 121 -7.25 -18.32 20.41
CA SER B 121 -8.68 -18.12 20.23
C SER B 121 -9.05 -17.46 18.89
N LEU B 122 -8.28 -16.45 18.49
CA LEU B 122 -8.57 -15.65 17.30
C LEU B 122 -8.12 -16.32 15.98
N MET B 123 -6.96 -16.97 16.03
CA MET B 123 -6.27 -17.44 14.82
C MET B 123 -6.65 -18.87 14.45
N THR B 124 -7.38 -19.01 13.35
CA THR B 124 -7.82 -20.33 12.86
C THR B 124 -7.26 -20.64 11.47
N ARG B 125 -7.43 -21.89 11.03
CA ARG B 125 -7.03 -22.30 9.68
C ARG B 125 -7.76 -21.55 8.59
N ALA B 126 -9.07 -21.38 8.75
CA ALA B 126 -9.87 -20.65 7.78
C ALA B 126 -9.35 -19.22 7.62
N ARG B 127 -8.93 -18.63 8.74
CA ARG B 127 -8.48 -17.23 8.76
C ARG B 127 -7.08 -17.02 8.19
N ALA B 128 -6.18 -17.95 8.48
CA ALA B 128 -4.85 -17.94 7.88
C ALA B 128 -4.92 -18.01 6.35
N LYS B 129 -5.89 -18.78 5.84
CA LYS B 129 -6.13 -18.88 4.40
C LYS B 129 -6.65 -17.56 3.83
N VAL B 130 -7.57 -16.93 4.55
CA VAL B 130 -8.10 -15.62 4.16
C VAL B 130 -6.99 -14.57 4.11
N ILE B 131 -6.17 -14.53 5.16
CA ILE B 131 -4.99 -13.67 5.21
C ILE B 131 -4.12 -13.90 3.96
N ILE B 132 -3.78 -15.16 3.71
CA ILE B 132 -2.94 -15.52 2.57
C ILE B 132 -3.51 -14.99 1.24
N CYS B 133 -4.80 -15.23 1.00
CA CYS B 133 -5.47 -14.72 -0.19
C CYS B 133 -5.41 -13.20 -0.31
N THR B 134 -5.65 -12.53 0.82
CA THR B 134 -5.62 -11.06 0.88
C THR B 134 -4.22 -10.55 0.54
N VAL B 135 -3.19 -11.19 1.06
CA VAL B 135 -1.81 -10.85 0.71
C VAL B 135 -1.60 -10.95 -0.80
N TRP B 136 -2.03 -12.05 -1.40
CA TRP B 136 -1.89 -12.26 -2.84
C TRP B 136 -2.76 -11.32 -3.66
N ALA B 137 -3.93 -10.96 -3.12
CA ALA B 137 -4.83 -10.04 -3.82
C ALA B 137 -4.24 -8.63 -3.87
N ILE B 138 -3.73 -8.17 -2.73
CA ILE B 138 -3.06 -6.87 -2.62
C ILE B 138 -1.81 -6.86 -3.51
N SER B 139 -0.98 -7.89 -3.39
CA SER B 139 0.23 -8.02 -4.20
C SER B 139 -0.06 -7.97 -5.69
N ALA B 140 -1.06 -8.75 -6.13
CA ALA B 140 -1.54 -8.70 -7.51
C ALA B 140 -1.92 -7.28 -7.91
N LEU B 141 -2.74 -6.67 -7.07
CA LEU B 141 -3.30 -5.35 -7.36
C LEU B 141 -2.24 -4.28 -7.60
N VAL B 142 -1.14 -4.34 -6.84
CA VAL B 142 -0.09 -3.33 -6.93
C VAL B 142 1.02 -3.71 -7.91
N SER B 143 0.98 -4.95 -8.41
CA SER B 143 1.98 -5.40 -9.38
C SER B 143 1.44 -5.37 -10.80
N PHE B 144 0.49 -6.27 -11.07
CA PHE B 144 -0.10 -6.40 -12.39
C PHE B 144 -0.65 -5.09 -12.93
N LEU B 145 -1.55 -4.47 -12.19
CA LEU B 145 -2.24 -3.28 -12.69
C LEU B 145 -1.35 -2.15 -13.23
N PRO B 146 -0.41 -1.61 -12.41
CA PRO B 146 0.41 -0.51 -12.91
C PRO B 146 1.27 -0.87 -14.12
N ILE B 147 1.63 -2.14 -14.25
CA ILE B 147 2.42 -2.59 -15.39
C ILE B 147 1.57 -2.69 -16.67
N MET B 148 0.40 -3.34 -16.57
CA MET B 148 -0.53 -3.49 -17.69
C MET B 148 -1.07 -2.14 -18.17
N MET B 149 -1.12 -1.17 -17.26
CA MET B 149 -1.58 0.18 -17.59
C MET B 149 -0.47 1.08 -18.12
N HIS B 150 0.75 0.56 -18.19
CA HIS B 150 1.92 1.30 -18.72
C HIS B 150 2.26 2.54 -17.89
N TRP B 151 1.86 2.52 -16.61
CA TRP B 151 2.10 3.61 -15.67
C TRP B 151 3.60 3.78 -15.41
N TRP B 152 4.34 2.72 -15.68
CA TRP B 152 5.78 2.67 -15.46
C TRP B 152 6.59 3.34 -16.56
N ARG B 153 5.96 3.58 -17.71
CA ARG B 153 6.65 4.07 -18.90
C ARG B 153 7.16 5.51 -18.83
N ASP B 154 8.28 5.75 -19.50
CA ASP B 154 8.90 7.08 -19.56
C ASP B 154 8.69 7.73 -20.93
N GLU B 155 8.82 9.06 -20.97
CA GLU B 155 8.63 9.82 -22.20
C GLU B 155 9.93 10.06 -22.96
N ASP B 156 11.02 9.49 -22.44
CA ASP B 156 12.33 9.60 -23.06
C ASP B 156 12.34 8.89 -24.43
N PRO B 157 13.06 9.47 -25.43
CA PRO B 157 13.15 8.83 -26.73
C PRO B 157 13.86 7.47 -26.66
N GLN B 158 14.95 7.41 -25.88
CA GLN B 158 15.70 6.18 -25.67
C GLN B 158 14.81 5.12 -25.00
N ALA B 159 13.89 5.57 -24.16
CA ALA B 159 12.91 4.69 -23.53
C ALA B 159 11.85 4.20 -24.53
N LEU B 160 11.23 5.14 -25.24
CA LEU B 160 10.22 4.83 -26.27
C LEU B 160 10.78 3.94 -27.38
N LYS B 161 12.08 4.08 -27.65
CA LYS B 161 12.82 3.19 -28.53
C LYS B 161 12.61 1.73 -28.10
N CYS B 162 12.85 1.46 -26.81
CA CYS B 162 12.79 0.12 -26.25
C CYS B 162 11.36 -0.45 -26.14
N TYR B 163 10.36 0.42 -26.02
CA TYR B 163 8.96 -0.02 -26.01
C TYR B 163 8.50 -0.41 -27.40
N GLN B 164 9.07 0.24 -28.41
CA GLN B 164 8.68 0.04 -29.81
C GLN B 164 9.25 -1.25 -30.40
N ASP B 165 10.54 -1.51 -30.13
CA ASP B 165 11.20 -2.76 -30.52
C ASP B 165 10.62 -3.94 -29.73
N PRO B 166 9.87 -4.85 -30.40
CA PRO B 166 9.19 -5.95 -29.69
C PRO B 166 10.13 -7.05 -29.18
N GLY B 167 11.42 -6.74 -29.11
CA GLY B 167 12.43 -7.64 -28.58
C GLY B 167 13.31 -6.97 -27.55
N CYS B 168 12.99 -5.73 -27.20
CA CYS B 168 13.60 -5.05 -26.06
C CYS B 168 12.66 -5.22 -24.86
N CYS B 169 13.20 -5.83 -23.80
CA CYS B 169 12.43 -6.05 -22.58
C CYS B 169 13.19 -5.52 -21.38
N ASP B 170 13.79 -4.33 -21.56
CA ASP B 170 14.38 -3.59 -20.46
C ASP B 170 13.27 -2.91 -19.68
N PHE B 171 13.42 -2.88 -18.36
CA PHE B 171 12.40 -2.27 -17.51
C PHE B 171 12.72 -0.79 -17.25
N VAL B 172 12.81 -0.04 -18.34
CA VAL B 172 13.06 1.39 -18.28
C VAL B 172 11.79 2.07 -17.79
N THR B 173 11.79 2.42 -16.49
CA THR B 173 10.61 3.02 -15.87
C THR B 173 10.85 4.48 -15.57
N ASN B 174 9.78 5.28 -15.57
CA ASN B 174 9.89 6.67 -15.15
C ASN B 174 10.21 6.79 -13.66
N ARG B 175 10.63 7.98 -13.23
CA ARG B 175 11.10 8.17 -11.86
C ARG B 175 10.00 8.02 -10.81
N ALA B 176 8.80 8.49 -11.14
CA ALA B 176 7.66 8.36 -10.23
C ALA B 176 7.32 6.90 -9.95
N TYR B 177 7.19 6.09 -11.01
CA TYR B 177 6.92 4.67 -10.82
C TYR B 177 8.04 4.00 -10.03
N ALA B 178 9.28 4.26 -10.42
CA ALA B 178 10.44 3.71 -9.74
C ALA B 178 10.34 3.94 -8.23
N ILE B 179 10.07 5.18 -7.83
CA ILE B 179 9.98 5.52 -6.41
C ILE B 179 8.74 4.91 -5.75
N ALA B 180 7.57 5.21 -6.29
CA ALA B 180 6.31 4.71 -5.74
C ALA B 180 6.29 3.18 -5.57
N SER B 181 6.61 2.46 -6.64
CA SER B 181 6.55 0.99 -6.63
C SER B 181 7.56 0.35 -5.69
N SER B 182 8.71 1.00 -5.51
CA SER B 182 9.70 0.56 -4.53
C SER B 182 9.16 0.72 -3.11
N ILE B 183 8.53 1.87 -2.84
CA ILE B 183 7.98 2.18 -1.54
C ILE B 183 6.83 1.23 -1.18
N ILE B 184 5.88 1.10 -2.12
CA ILE B 184 4.68 0.30 -1.91
C ILE B 184 4.95 -1.21 -1.87
N SER B 185 5.81 -1.71 -2.75
CA SER B 185 6.07 -3.14 -2.82
C SER B 185 7.12 -3.62 -1.83
N PHE B 186 8.04 -2.75 -1.46
CA PHE B 186 9.22 -3.17 -0.71
C PHE B 186 9.43 -2.38 0.59
N TYR B 187 9.70 -1.08 0.46
CA TYR B 187 10.16 -0.29 1.60
C TYR B 187 9.19 -0.22 2.80
N ILE B 188 7.90 -0.02 2.55
CA ILE B 188 6.93 0.00 3.64
C ILE B 188 6.85 -1.35 4.38
N PRO B 189 6.58 -2.46 3.66
CA PRO B 189 6.52 -3.75 4.37
C PRO B 189 7.84 -4.18 5.01
N LEU B 190 8.97 -3.76 4.44
CA LEU B 190 10.28 -4.04 5.03
C LEU B 190 10.42 -3.37 6.40
N LEU B 191 10.02 -2.09 6.48
CA LEU B 191 10.08 -1.36 7.73
C LEU B 191 9.16 -1.96 8.79
N ILE B 192 7.93 -2.28 8.38
CA ILE B 192 6.98 -2.94 9.27
C ILE B 192 7.56 -4.27 9.77
N MET B 193 8.15 -5.04 8.88
CA MET B 193 8.75 -6.33 9.25
C MET B 193 9.89 -6.18 10.26
N ILE B 194 10.83 -5.26 9.98
CA ILE B 194 11.95 -5.00 10.89
C ILE B 194 11.44 -4.52 12.26
N PHE B 195 10.52 -3.55 12.25
CA PHE B 195 9.92 -3.04 13.48
C PHE B 195 9.31 -4.15 14.32
N VAL B 196 8.46 -4.96 13.71
CA VAL B 196 7.80 -6.08 14.41
C VAL B 196 8.80 -7.16 14.82
N ALA B 197 9.76 -7.48 13.96
CA ALA B 197 10.74 -8.53 14.26
C ALA B 197 11.64 -8.20 15.46
N LEU B 198 11.99 -6.92 15.61
CA LEU B 198 12.75 -6.46 16.76
C LEU B 198 11.91 -6.55 18.03
N ARG B 199 10.62 -6.24 17.92
CA ARG B 199 9.71 -6.37 19.04
C ARG B 199 9.60 -7.82 19.52
N VAL B 200 9.51 -8.75 18.57
CA VAL B 200 9.51 -10.18 18.88
C VAL B 200 10.82 -10.56 19.57
N TYR B 201 11.94 -10.04 19.06
CA TYR B 201 13.26 -10.30 19.64
C TYR B 201 13.40 -9.72 21.05
N ARG B 202 12.87 -8.52 21.26
CA ARG B 202 12.83 -7.91 22.60
C ARG B 202 12.10 -8.83 23.57
N GLU B 203 10.93 -9.33 23.15
CA GLU B 203 10.10 -10.21 23.98
C GLU B 203 10.70 -11.60 24.17
N ALA B 204 11.48 -12.06 23.18
CA ALA B 204 12.18 -13.33 23.28
C ALA B 204 13.34 -13.26 24.27
N LYS B 205 13.91 -12.06 24.42
CA LYS B 205 14.96 -11.79 25.41
C LYS B 205 14.39 -11.74 26.82
N GLU B 206 13.35 -10.93 27.02
CA GLU B 206 12.68 -10.81 28.31
C GLU B 206 12.15 -12.14 28.82
N GLN B 207 11.77 -13.01 27.89
CA GLN B 207 11.29 -14.34 28.24
C GLN B 207 12.39 -15.26 28.77
N ILE B 208 13.61 -15.09 28.28
CA ILE B 208 14.69 -16.04 28.61
C ILE B 208 15.22 -15.90 30.03
N ARG B 209 15.14 -14.71 30.60
CA ARG B 209 15.62 -14.49 31.97
C ARG B 209 14.90 -15.39 32.98
N LYS B 210 13.63 -15.67 32.72
CA LYS B 210 12.86 -16.63 33.52
C LYS B 210 13.33 -18.08 33.29
N SER B 220 9.61 -26.85 30.53
CA SER B 220 9.28 -25.54 29.95
C SER B 220 10.52 -24.85 29.40
N ARG B 221 11.61 -24.85 30.18
CA ARG B 221 12.91 -24.31 29.72
C ARG B 221 13.43 -25.14 28.53
N VAL B 222 13.07 -26.43 28.51
CA VAL B 222 13.39 -27.33 27.41
C VAL B 222 12.57 -26.97 26.16
N MET B 223 11.32 -26.57 26.36
CA MET B 223 10.43 -26.17 25.27
C MET B 223 10.57 -24.70 24.86
N LEU B 224 11.24 -23.91 25.68
CA LEU B 224 11.50 -22.51 25.35
C LEU B 224 12.66 -22.40 24.36
N MET B 225 13.66 -23.28 24.52
CA MET B 225 14.79 -23.34 23.61
C MET B 225 14.39 -23.83 22.23
N ARG B 226 13.42 -24.74 22.20
CA ARG B 226 12.87 -25.27 20.95
C ARG B 226 11.99 -24.22 20.26
N GLU B 227 11.31 -23.40 21.06
CA GLU B 227 10.55 -22.25 20.55
C GLU B 227 11.48 -21.19 19.97
N HIS B 228 12.55 -20.90 20.71
CA HIS B 228 13.55 -19.92 20.29
C HIS B 228 14.40 -20.45 19.13
N LYS B 229 14.49 -21.77 19.00
CA LYS B 229 15.12 -22.40 17.84
C LYS B 229 14.31 -22.11 16.58
N ALA B 230 12.99 -22.26 16.66
CA ALA B 230 12.09 -21.97 15.55
C ALA B 230 12.11 -20.49 15.20
N LEU B 231 12.08 -19.64 16.22
CA LEU B 231 12.06 -18.19 16.05
C LEU B 231 13.31 -17.66 15.36
N LYS B 232 14.45 -18.27 15.65
CA LYS B 232 15.71 -17.87 15.03
C LYS B 232 15.68 -18.18 13.53
N THR B 233 15.08 -19.31 13.18
CA THR B 233 14.94 -19.72 11.78
C THR B 233 14.19 -18.64 10.98
N LEU B 234 12.99 -18.30 11.44
CA LEU B 234 12.18 -17.25 10.81
C LEU B 234 12.94 -15.93 10.77
N GLY B 235 13.71 -15.65 11.81
CA GLY B 235 14.56 -14.46 11.86
C GLY B 235 15.63 -14.47 10.80
N ILE B 236 16.15 -15.67 10.50
CA ILE B 236 17.17 -15.86 9.47
C ILE B 236 16.59 -15.61 8.07
N ILE B 237 15.45 -16.25 7.76
CA ILE B 237 14.86 -16.09 6.43
C ILE B 237 14.50 -14.63 6.11
N MET B 238 14.01 -13.90 7.12
CA MET B 238 13.72 -12.47 6.98
C MET B 238 15.00 -11.66 6.75
N GLY B 239 16.05 -11.99 7.50
CA GLY B 239 17.33 -11.31 7.39
C GLY B 239 17.99 -11.54 6.04
N VAL B 240 17.99 -12.79 5.59
CA VAL B 240 18.60 -13.18 4.31
C VAL B 240 17.88 -12.50 3.15
N PHE B 241 16.54 -12.55 3.18
CA PHE B 241 15.70 -11.88 2.18
C PHE B 241 16.07 -10.41 2.06
N THR B 242 16.23 -9.75 3.21
CA THR B 242 16.65 -8.35 3.26
C THR B 242 18.02 -8.16 2.60
N LEU B 243 18.96 -9.03 2.90
CA LEU B 243 20.30 -8.94 2.32
C LEU B 243 20.32 -9.20 0.81
N CYS B 244 19.40 -10.05 0.35
CA CYS B 244 19.33 -10.39 -1.07
C CYS B 244 18.65 -9.32 -1.91
N TRP B 245 17.68 -8.60 -1.32
CA TRP B 245 16.89 -7.63 -2.07
C TRP B 245 17.23 -6.17 -1.85
N LEU B 246 17.72 -5.83 -0.65
CA LEU B 246 18.05 -4.44 -0.34
C LEU B 246 19.03 -3.81 -1.33
N PRO B 247 20.10 -4.53 -1.72
CA PRO B 247 21.04 -3.94 -2.67
C PRO B 247 20.36 -3.51 -3.97
N PHE B 248 19.46 -4.35 -4.49
CA PHE B 248 18.71 -4.03 -5.71
C PHE B 248 17.85 -2.77 -5.55
N PHE B 249 17.08 -2.71 -4.47
CA PHE B 249 16.14 -1.59 -4.26
C PHE B 249 16.82 -0.30 -3.89
N LEU B 250 18.03 -0.40 -3.33
CA LEU B 250 18.85 0.79 -3.02
C LEU B 250 19.36 1.39 -4.32
N VAL B 251 19.94 0.54 -5.16
CA VAL B 251 20.40 0.94 -6.48
C VAL B 251 19.25 1.56 -7.29
N ASN B 252 18.11 0.86 -7.31
CA ASN B 252 16.90 1.32 -8.01
C ASN B 252 16.54 2.77 -7.66
N ILE B 253 16.72 3.13 -6.40
CA ILE B 253 16.42 4.49 -5.92
C ILE B 253 17.54 5.45 -6.31
N VAL B 254 18.77 4.94 -6.32
CA VAL B 254 19.95 5.74 -6.66
C VAL B 254 19.94 6.18 -8.13
N ASN B 255 19.51 5.28 -9.02
CA ASN B 255 19.40 5.57 -10.47
C ASN B 255 18.45 6.70 -10.81
N VAL B 256 17.47 6.95 -9.93
CA VAL B 256 16.54 8.05 -10.11
C VAL B 256 17.24 9.38 -9.91
N PHE B 257 18.11 9.44 -8.90
CA PHE B 257 18.84 10.66 -8.57
C PHE B 257 20.09 10.87 -9.44
N ASN B 258 20.70 9.77 -9.88
CA ASN B 258 21.88 9.81 -10.74
C ASN B 258 21.94 8.56 -11.61
N ARG B 259 21.65 8.74 -12.91
CA ARG B 259 21.52 7.63 -13.83
C ARG B 259 22.86 7.03 -14.27
N ASP B 260 23.96 7.63 -13.78
CA ASP B 260 25.32 7.22 -14.15
C ASP B 260 26.13 6.56 -13.03
N LEU B 261 25.68 6.73 -11.79
CA LEU B 261 26.47 6.33 -10.61
C LEU B 261 26.59 4.81 -10.36
N VAL B 262 25.81 4.01 -11.10
CA VAL B 262 25.87 2.56 -10.96
C VAL B 262 25.98 1.89 -12.34
N PRO B 263 27.02 1.06 -12.55
CA PRO B 263 27.21 0.32 -13.80
C PRO B 263 26.09 -0.68 -14.08
N ASP B 264 25.63 -0.71 -15.33
CA ASP B 264 24.48 -1.52 -15.73
C ASP B 264 24.66 -3.03 -15.58
N TRP B 265 25.90 -3.49 -15.40
CA TRP B 265 26.16 -4.90 -15.08
C TRP B 265 25.79 -5.17 -13.61
N LEU B 266 26.12 -4.20 -12.74
CA LEU B 266 25.90 -4.33 -11.30
C LEU B 266 24.41 -4.39 -10.95
N PHE B 267 23.62 -3.59 -11.66
CA PHE B 267 22.17 -3.59 -11.52
C PHE B 267 21.57 -4.96 -11.84
N VAL B 268 22.12 -5.63 -12.86
CA VAL B 268 21.65 -6.96 -13.26
C VAL B 268 22.13 -8.03 -12.28
N ALA B 269 23.35 -7.85 -11.78
CA ALA B 269 23.93 -8.73 -10.76
C ALA B 269 23.06 -8.75 -9.50
N PHE B 270 22.74 -7.55 -8.99
CA PHE B 270 21.93 -7.39 -7.79
C PHE B 270 20.51 -7.96 -7.94
N ASN B 271 19.95 -7.85 -9.15
CA ASN B 271 18.65 -8.44 -9.46
C ASN B 271 18.72 -9.97 -9.42
N TRP B 272 19.86 -10.53 -9.78
CA TRP B 272 20.04 -11.97 -9.76
C TRP B 272 20.27 -12.52 -8.35
N LEU B 273 20.92 -11.73 -7.51
CA LEU B 273 21.04 -12.05 -6.09
C LEU B 273 19.64 -12.23 -5.48
N GLY B 274 18.75 -11.28 -5.79
CA GLY B 274 17.35 -11.35 -5.37
C GLY B 274 16.65 -12.60 -5.91
N TYR B 275 16.88 -12.93 -7.17
CA TYR B 275 16.33 -14.16 -7.73
C TYR B 275 16.85 -15.37 -6.96
N ALA B 276 18.15 -15.36 -6.66
CA ALA B 276 18.81 -16.44 -5.94
C ALA B 276 18.12 -16.76 -4.61
N ASN B 277 17.63 -15.72 -3.93
CA ASN B 277 16.94 -15.85 -2.64
C ASN B 277 15.83 -16.91 -2.63
N SER B 278 15.28 -17.21 -3.81
CA SER B 278 14.20 -18.19 -3.94
C SER B 278 14.66 -19.64 -3.73
N ALA B 279 15.98 -19.85 -3.77
CA ALA B 279 16.57 -21.17 -3.55
C ALA B 279 17.07 -21.35 -2.11
N MET B 280 17.02 -20.28 -1.32
CA MET B 280 17.69 -20.24 -0.03
C MET B 280 16.89 -20.76 1.16
N ASN B 281 15.58 -20.50 1.18
CA ASN B 281 14.75 -20.91 2.29
C ASN B 281 14.75 -22.43 2.57
N PRO B 282 14.52 -23.27 1.54
CA PRO B 282 14.55 -24.72 1.77
C PRO B 282 15.82 -25.21 2.45
N ILE B 283 16.95 -24.61 2.08
CA ILE B 283 18.23 -24.91 2.73
C ILE B 283 18.17 -24.49 4.21
N ILE B 284 17.71 -23.26 4.47
CA ILE B 284 17.61 -22.73 5.84
C ILE B 284 16.65 -23.55 6.73
N TYR B 285 15.61 -24.12 6.13
CA TYR B 285 14.66 -24.97 6.87
C TYR B 285 15.26 -26.28 7.36
N CYS B 286 16.47 -26.62 6.90
CA CYS B 286 17.15 -27.84 7.32
C CYS B 286 17.71 -27.77 8.74
N ARG B 287 17.71 -26.57 9.31
CA ARG B 287 18.02 -26.37 10.71
C ARG B 287 16.95 -27.03 11.61
N SER B 288 15.72 -26.98 11.14
CA SER B 288 14.60 -27.67 11.81
C SER B 288 14.64 -29.15 11.47
N PRO B 289 14.95 -30.00 12.46
CA PRO B 289 15.14 -31.44 12.26
C PRO B 289 13.93 -32.16 11.68
N ASP B 290 12.73 -31.66 11.98
CA ASP B 290 11.49 -32.25 11.48
C ASP B 290 11.33 -32.07 9.96
N PHE B 291 11.75 -30.90 9.46
CA PHE B 291 11.84 -30.68 8.02
C PHE B 291 12.89 -31.61 7.42
N ARG B 292 14.04 -31.71 8.10
CA ARG B 292 15.16 -32.55 7.69
C ARG B 292 14.74 -34.02 7.55
N LYS B 293 13.95 -34.50 8.51
CA LYS B 293 13.43 -35.87 8.49
C LYS B 293 12.39 -36.06 7.39
N ALA B 294 11.56 -35.05 7.18
CA ALA B 294 10.54 -35.08 6.13
C ALA B 294 11.17 -34.99 4.74
N PHE B 295 12.29 -34.27 4.62
CA PHE B 295 13.04 -34.20 3.38
C PHE B 295 13.64 -35.55 3.02
N LYS B 296 14.26 -36.19 4.01
CA LYS B 296 14.90 -37.50 3.83
C LYS B 296 13.89 -38.59 3.45
N ARG B 297 12.72 -38.54 4.07
CA ARG B 297 11.64 -39.49 3.77
C ARG B 297 11.12 -39.32 2.33
N LEU B 298 10.90 -38.08 1.91
CA LEU B 298 10.34 -37.79 0.59
C LEU B 298 11.29 -38.16 -0.55
N LEU B 299 12.58 -37.90 -0.35
CA LEU B 299 13.60 -38.22 -1.36
C LEU B 299 13.82 -39.72 -1.47
N1 G90 C . -15.33 1.56 4.56
C12 G90 C . -14.39 2.16 4.19
C7 G90 C . -13.36 2.76 3.73
C6 G90 C . -13.41 4.19 3.30
C11 G90 C . -12.26 4.78 2.79
C10 G90 C . -11.08 4.05 2.71
C9 G90 C . -11.03 2.72 3.12
C8 G90 C . -12.15 2.06 3.63
O2 G90 C . -14.57 4.90 3.36
C5 G90 C . -14.83 5.80 4.42
C4 G90 C . -16.26 6.29 4.30
O1 G90 C . -16.28 7.61 3.75
C3 G90 C . -17.02 5.36 3.37
N G90 C . -18.35 5.14 3.90
CA G90 C . -19.37 4.36 3.25
C1 G90 C . -19.56 3.13 4.12
C2 G90 C . -18.98 3.94 1.83
CB G90 C . -20.61 5.26 3.17
CG G90 C . -21.92 4.51 3.05
CD2 G90 C . -22.81 4.05 4.15
CE3 G90 C . -22.72 4.14 5.54
CZ3 G90 C . -23.77 3.58 6.29
CH2 G90 C . -24.85 2.95 5.66
CZ2 G90 C . -24.96 2.85 4.26
CE2 G90 C . -23.95 3.39 3.48
NE1 G90 C . -23.73 3.48 2.15
CD1 G90 C . -22.56 4.12 1.88
C9 2CV D . -8.29 -6.32 -0.62
C12 2CV D . -9.29 -7.27 0.05
C15 2CV D . -8.91 -8.74 -0.14
C18 2CV D . -10.10 -9.57 -0.62
C21 2CV D . -10.16 -10.94 0.08
C24 2CV D . -11.09 -11.92 -0.66
C27 2CV D . -12.53 -11.86 -0.14
C30 2CV D . -12.88 -13.04 0.81
N33 2CV D . -14.17 -13.41 0.86
O34 2CV D . -12.00 -13.58 1.48
C35 2CV D . -15.22 -12.73 0.05
C36 2CV D . -14.61 -14.51 1.75
C37 2CV D . -15.32 -13.97 2.99
C60 2CV D . -15.56 -13.54 -1.20
O63 2CV D . -15.21 -12.77 -2.36
C1 2CV D . -8.80 -4.88 -0.60
C0 2CV D . -7.69 -3.84 -0.77
C9 2CV E . 1.22 6.22 1.05
C12 2CV E . 1.25 4.72 1.39
C15 2CV E . 0.90 3.83 0.19
C18 2CV E . -0.34 2.94 0.43
C21 2CV E . -0.02 1.75 1.36
C24 2CV E . 0.04 0.42 0.61
C27 2CV E . 0.22 -0.75 1.60
C30 2CV E . 0.95 -1.95 0.96
N33 2CV E . 1.14 -3.05 1.72
O34 2CV E . 1.33 -1.88 -0.20
C35 2CV E . 0.71 -3.22 3.12
C60 2CV E . 1.17 -4.60 3.63
O63 2CV E . 0.05 -5.36 4.11
C1 2CV E . 2.53 6.70 0.37
C0 2CV E . 2.70 8.22 0.50
C9 2CV F . 7.17 10.37 -5.39
C12 2CV F . 7.56 10.78 -6.82
C15 2CV F . 8.80 11.68 -6.85
C18 2CV F . 8.78 12.63 -8.06
C21 2CV F . 9.90 12.26 -9.06
C24 2CV F . 10.11 13.37 -10.09
C27 2CV F . 9.94 12.85 -11.53
C30 2CV F . 10.86 13.55 -12.56
N33 2CV F . 10.96 12.96 -13.76
O34 2CV F . 11.44 14.60 -12.26
C35 2CV F . 10.25 11.71 -14.09
C36 2CV F . 11.81 13.54 -14.82
C1 2CV F . 5.92 9.48 -5.37
C0 2CV F . 5.41 9.28 -3.94
N1 G90 G . 11.88 -2.69 -10.39
C12 G90 G . 11.15 -3.07 -9.59
C7 G90 G . 10.29 -3.48 -8.74
C6 G90 G . 10.18 -4.93 -8.39
C11 G90 G . 9.21 -5.32 -7.47
C10 G90 G . 8.39 -4.36 -6.89
C9 G90 G . 8.49 -3.00 -7.21
C8 G90 G . 9.44 -2.56 -8.13
O2 G90 G . 10.98 -5.87 -8.99
C5 G90 G . 12.25 -6.28 -8.48
C4 G90 G . 13.08 -6.89 -9.61
O1 G90 G . 12.84 -8.30 -9.71
C3 G90 G . 12.74 -6.22 -10.93
N G90 G . 13.33 -6.95 -12.05
CA G90 G . 13.33 -6.44 -13.40
C1 G90 G . 13.96 -5.04 -13.41
C2 G90 G . 11.90 -6.37 -13.94
CB G90 G . 14.15 -7.45 -14.22
CG G90 G . 14.51 -6.98 -15.62
CD2 G90 G . 15.75 -6.29 -16.06
CE3 G90 G . 16.89 -5.87 -15.38
CZ3 G90 G . 17.89 -5.24 -16.12
CH2 G90 G . 17.75 -5.01 -17.50
CZ2 G90 G . 16.61 -5.42 -18.20
CE2 G90 G . 15.59 -6.06 -17.50
NE1 G90 G . 14.39 -6.57 -17.86
CD1 G90 G . 13.74 -7.12 -16.78
C9 2CV H . 1.99 4.18 -9.35
C12 2CV H . 2.86 4.96 -10.35
C15 2CV H . 2.26 6.33 -10.68
C18 2CV H . 2.63 6.79 -12.09
C21 2CV H . 3.05 8.26 -12.13
C24 2CV H . 2.66 8.94 -13.46
C27 2CV H . 3.75 8.80 -14.52
C30 2CV H . 4.32 10.16 -15.01
N33 2CV H . 4.71 10.24 -16.29
O34 2CV H . 4.41 11.10 -14.22
C35 2CV H . 4.61 9.08 -17.22
C36 2CV H . 5.28 11.50 -16.81
C37 2CV H . 6.81 11.40 -16.99
C40 2CV H . 7.60 12.66 -16.55
C41 2CV H . 7.04 13.99 -17.10
C42 2CV H . 7.87 14.57 -18.26
O47 2CV H . 7.12 11.08 -18.37
O49 2CV H . 8.99 12.53 -16.91
O51 2CV H . 6.99 14.95 -16.04
C60 2CV H . 3.40 9.23 -18.15
O63 2CV H . 2.50 8.12 -17.93
C1 2CV H . 2.77 3.03 -8.70
C0 2CV H . 1.85 2.14 -7.87
C9 2CV I . -6.10 -9.06 6.68
C12 2CV I . -7.38 -9.85 6.90
C15 2CV I . -7.55 -10.27 8.37
C18 2CV I . -8.15 -11.68 8.50
C21 2CV I . -9.64 -11.64 8.90
C24 2CV I . -10.30 -13.00 8.64
C27 2CV I . -11.67 -12.82 7.98
C30 2CV I . -12.70 -13.80 8.55
#